data_7OUJ
#
_entry.id   7OUJ
#
_cell.length_a   77.323
_cell.length_b   57.514
_cell.length_c   122.379
_cell.angle_alpha   90.000
_cell.angle_beta   95.183
_cell.angle_gamma   90.000
#
_symmetry.space_group_name_H-M   'I 1 2 1'
#
loop_
_entity.id
_entity.type
_entity.pdbx_description
1 polymer RubL
2 non-polymer 'FLAVIN-ADENINE DINUCLEOTIDE'
3 non-polymer 'CHLORIDE ION'
4 non-polymer (2S)-hexane-1,2,6-triol
5 non-polymer 4-HYDROXYPROLINE
6 non-polymer GLYCEROL
7 water water
#
_entity_poly.entity_id   1
_entity_poly.type   'polypeptide(L)'
_entity_poly.pdbx_seq_one_letter_code
;MTSASEPSGPSGSAPVLIVGGSLVGLSTAVFLARHGVRCTLVERHPGTSVHPRAVGYYPRTGELLRQAGVEDAAVREASG
FATHRTRAGVTSLAGEVLFSKEELEGDDDLGDLTPSRLLLLPQDRLEPLLRDRAVELGADLRFGTELVSFAEDPEGVTAV
LDDGTGGTRTFRSSYLVACDGPRSTVREALKVPRQGRGVLSRHVSIAFGADLRPVLGDRRYSVVHVKNPQVTGILVHDDT
LTGGTLIVGYRPEDGESLEDFTDDRCAELVGAAVGAPGVEVTIRSRFPWDMAEQVAESFVHGRVLLAGDAAHVVPPTGGY
GANTGIADAHNLAWKLALVAAGVAGPGLVETYDAERRPVAVYTAEQGSLQLALRSGTATPEQQAAVADAVTVTSGQAYRS
TAVVGEPDGADLPVASDPRELRGAPGTRAPYVELLRGGETVSTLDLFGRDFVLLTGEHGREWISAAVSASAGLGLKITAR
RVVPGTDAGAGTLADPDGDWSERYGGLRPEGAVLVRPDGVVAWRSPGADPGGEESAVLAAVLRSVLARESRTGGK
;
_entity_poly.pdbx_strand_id   AAA
#
loop_
_chem_comp.id
_chem_comp.type
_chem_comp.name
_chem_comp.formula
1JW non-polymer (2S)-hexane-1,2,6-triol 'C6 H14 O3'
CL non-polymer 'CHLORIDE ION' 'Cl -1'
FAD non-polymer 'FLAVIN-ADENINE DINUCLEOTIDE' 'C27 H33 N9 O15 P2'
GOL non-polymer GLYCEROL 'C3 H8 O3'
#
# COMPACT_ATOMS: atom_id res chain seq x y z
N GLY A 9 17.30 -30.76 7.40
CA GLY A 9 15.94 -31.39 7.33
C GLY A 9 14.83 -30.38 7.04
N PRO A 10 13.65 -30.86 6.57
CA PRO A 10 12.47 -30.00 6.37
C PRO A 10 11.90 -29.34 7.64
N SER A 11 11.38 -28.12 7.52
CA SER A 11 10.66 -27.39 8.60
C SER A 11 9.26 -27.02 8.13
N GLY A 12 8.80 -27.62 7.04
CA GLY A 12 7.40 -27.54 6.64
C GLY A 12 7.21 -27.13 5.21
N SER A 13 5.96 -26.90 4.90
CA SER A 13 5.57 -26.46 3.57
C SER A 13 4.31 -25.64 3.69
N ALA A 14 4.09 -24.79 2.72
CA ALA A 14 2.85 -24.00 2.65
C ALA A 14 2.72 -23.54 1.23
N PRO A 15 1.50 -23.20 0.80
CA PRO A 15 1.32 -22.65 -0.50
C PRO A 15 2.23 -21.45 -0.72
N VAL A 16 2.37 -20.56 0.28
CA VAL A 16 3.17 -19.34 0.09
C VAL A 16 4.17 -19.21 1.24
N LEU A 17 5.41 -18.94 0.84
CA LEU A 17 6.44 -18.50 1.79
C LEU A 17 6.65 -16.99 1.56
N ILE A 18 6.50 -16.19 2.60
CA ILE A 18 6.77 -14.74 2.58
C ILE A 18 8.11 -14.49 3.23
N VAL A 19 8.94 -13.71 2.55
CA VAL A 19 10.29 -13.35 3.07
C VAL A 19 10.21 -11.88 3.50
N GLY A 20 10.38 -11.63 4.78
CA GLY A 20 10.29 -10.28 5.33
C GLY A 20 9.02 -10.05 6.09
N GLY A 21 9.17 -9.47 7.30
CA GLY A 21 8.05 -9.23 8.22
C GLY A 21 8.00 -7.79 8.69
N SER A 22 8.21 -6.86 7.76
CA SER A 22 7.93 -5.42 7.86
C SER A 22 6.54 -5.19 7.28
N LEU A 23 6.18 -3.96 6.93
CA LEU A 23 4.79 -3.68 6.61
C LEU A 23 4.32 -4.52 5.41
N VAL A 24 5.17 -4.71 4.43
CA VAL A 24 4.70 -5.37 3.17
C VAL A 24 4.53 -6.87 3.39
N GLY A 25 5.50 -7.54 4.01
CA GLY A 25 5.36 -8.96 4.31
C GLY A 25 4.22 -9.27 5.27
N LEU A 26 4.00 -8.44 6.33
CA LEU A 26 2.91 -8.64 7.28
C LEU A 26 1.59 -8.41 6.56
N SER A 27 1.53 -7.40 5.70
CA SER A 27 0.30 -7.13 4.94
C SER A 27 0.00 -8.33 4.03
N THR A 28 1.01 -8.89 3.41
CA THR A 28 0.89 -10.07 2.50
C THR A 28 0.31 -11.24 3.27
N ALA A 29 0.82 -11.47 4.46
CA ALA A 29 0.35 -12.54 5.37
C ALA A 29 -1.11 -12.33 5.74
N VAL A 30 -1.48 -11.09 6.13
CA VAL A 30 -2.88 -10.82 6.46
C VAL A 30 -3.76 -11.09 5.24
N PHE A 31 -3.42 -10.54 4.07
CA PHE A 31 -4.34 -10.68 2.92
C PHE A 31 -4.45 -12.15 2.47
N LEU A 32 -3.37 -12.88 2.45
CA LEU A 32 -3.40 -14.32 2.07
C LEU A 32 -4.24 -15.09 3.09
N ALA A 33 -4.01 -14.89 4.39
CA ALA A 33 -4.72 -15.63 5.45
C ALA A 33 -6.21 -15.29 5.36
N ARG A 34 -6.54 -14.03 5.03
CA ARG A 34 -7.96 -13.60 4.95
C ARG A 34 -8.65 -14.34 3.79
N HIS A 35 -7.91 -14.69 2.74
CA HIS A 35 -8.42 -15.48 1.58
C HIS A 35 -8.35 -16.98 1.85
N GLY A 36 -7.95 -17.39 3.05
CA GLY A 36 -7.87 -18.80 3.46
C GLY A 36 -6.63 -19.51 2.92
N VAL A 37 -5.58 -18.78 2.52
CA VAL A 37 -4.35 -19.37 1.97
C VAL A 37 -3.38 -19.55 3.14
N ARG A 38 -2.96 -20.78 3.37
CA ARG A 38 -1.94 -21.05 4.41
C ARG A 38 -0.62 -20.44 3.96
N CYS A 39 0.00 -19.65 4.82
CA CYS A 39 1.31 -19.07 4.49
C CYS A 39 2.19 -19.13 5.69
N THR A 40 3.49 -19.11 5.39
CA THR A 40 4.55 -19.00 6.41
C THR A 40 5.32 -17.73 6.05
N LEU A 41 5.69 -16.97 7.07
CA LEU A 41 6.48 -15.76 6.89
C LEU A 41 7.76 -15.92 7.70
N VAL A 42 8.86 -15.56 7.11
CA VAL A 42 10.18 -15.55 7.80
C VAL A 42 10.71 -14.13 7.86
N GLU A 43 11.12 -13.69 9.05
CA GLU A 43 11.71 -12.36 9.27
C GLU A 43 12.98 -12.61 10.05
N ARG A 44 14.08 -12.08 9.58
CA ARG A 44 15.38 -12.33 10.27
C ARG A 44 15.40 -11.63 11.64
N HIS A 45 14.81 -10.45 11.78
CA HIS A 45 14.79 -9.74 13.08
C HIS A 45 14.00 -10.55 14.10
N PRO A 46 14.32 -10.43 15.39
CA PRO A 46 13.59 -11.17 16.42
C PRO A 46 12.13 -10.76 16.63
N GLY A 47 11.79 -9.56 16.17
CA GLY A 47 10.42 -9.08 16.26
C GLY A 47 10.18 -8.05 15.20
N THR A 48 9.13 -7.26 15.38
CA THR A 48 8.78 -6.18 14.44
C THR A 48 9.76 -5.01 14.62
N SER A 49 9.65 -4.00 13.75
CA SER A 49 10.66 -2.92 13.62
C SER A 49 10.92 -2.26 14.97
N VAL A 50 12.19 -1.98 15.26
CA VAL A 50 12.60 -1.15 16.42
C VAL A 50 12.60 0.33 15.98
N HIS A 51 13.06 0.60 14.78
CA HIS A 51 13.18 1.99 14.27
C HIS A 51 12.05 2.21 13.27
N PRO A 52 11.15 3.18 13.52
CA PRO A 52 10.05 3.37 12.60
C PRO A 52 10.59 4.21 11.44
N ARG A 53 10.22 3.85 10.21
CA ARG A 53 10.53 4.69 9.04
C ARG A 53 9.23 5.36 8.61
N ALA A 54 8.25 4.56 8.20
CA ALA A 54 6.99 5.13 7.68
C ALA A 54 6.19 5.76 8.81
N VAL A 55 5.45 6.80 8.48
CA VAL A 55 4.54 7.46 9.44
C VAL A 55 3.24 7.80 8.73
N GLY A 56 3.23 8.09 7.45
CA GLY A 56 2.00 8.60 6.81
C GLY A 56 1.39 7.60 5.85
N TYR A 57 0.10 7.32 6.02
CA TYR A 57 -0.65 6.38 5.15
C TYR A 57 -1.82 7.13 4.58
N TYR A 58 -1.85 7.18 3.24
CA TYR A 58 -2.88 7.92 2.49
C TYR A 58 -4.18 7.14 2.55
N PRO A 59 -5.29 7.82 2.24
CA PRO A 59 -6.59 7.17 2.36
C PRO A 59 -6.77 5.80 1.70
N ARG A 60 -6.15 5.57 0.55
CA ARG A 60 -6.31 4.25 -0.10
C ARG A 60 -5.75 3.20 0.86
N THR A 61 -4.59 3.49 1.44
CA THR A 61 -4.01 2.53 2.38
C THR A 61 -4.95 2.33 3.57
N GLY A 62 -5.63 3.38 4.03
CA GLY A 62 -6.65 3.25 5.09
C GLY A 62 -7.73 2.27 4.67
N GLU A 63 -8.19 2.36 3.42
CA GLU A 63 -9.20 1.41 2.88
C GLU A 63 -8.64 -0.03 2.90
N LEU A 64 -7.37 -0.21 2.57
CA LEU A 64 -6.73 -1.55 2.54
C LEU A 64 -6.60 -2.05 3.98
N LEU A 65 -6.22 -1.18 4.94
CA LEU A 65 -6.19 -1.58 6.38
C LEU A 65 -7.59 -1.98 6.85
N ARG A 66 -8.64 -1.35 6.33
CA ARG A 66 -10.00 -1.73 6.75
C ARG A 66 -10.32 -3.13 6.22
N GLN A 67 -9.99 -3.40 4.95
CA GLN A 67 -10.14 -4.77 4.40
C GLN A 67 -9.37 -5.75 5.29
N ALA A 68 -8.19 -5.35 5.77
CA ALA A 68 -7.32 -6.19 6.64
C ALA A 68 -7.90 -6.38 8.06
N GLY A 69 -8.85 -5.53 8.48
CA GLY A 69 -9.53 -5.61 9.78
C GLY A 69 -8.76 -4.85 10.85
N VAL A 70 -7.86 -3.91 10.46
CA VAL A 70 -6.99 -3.23 11.46
C VAL A 70 -7.06 -1.71 11.35
N GLU A 71 -7.88 -1.16 10.45
CA GLU A 71 -7.92 0.34 10.32
C GLU A 71 -8.39 1.01 11.62
N ASP A 72 -9.46 0.51 12.24
CA ASP A 72 -10.02 1.13 13.46
C ASP A 72 -8.97 1.04 14.57
N ALA A 73 -8.24 -0.07 14.70
CA ALA A 73 -7.21 -0.26 15.73
C ALA A 73 -6.09 0.75 15.45
N ALA A 74 -5.72 0.90 14.18
CA ALA A 74 -4.62 1.85 13.80
C ALA A 74 -5.03 3.27 14.14
N VAL A 75 -6.27 3.63 13.83
CA VAL A 75 -6.75 5.02 14.08
C VAL A 75 -6.79 5.27 15.58
N ARG A 76 -7.17 4.27 16.38
CA ARG A 76 -7.18 4.42 17.86
C ARG A 76 -5.75 4.58 18.34
N GLU A 77 -4.81 3.78 17.84
CA GLU A 77 -3.38 3.88 18.28
C GLU A 77 -2.82 5.25 17.86
N ALA A 78 -3.34 5.86 16.79
CA ALA A 78 -2.83 7.12 16.16
C ALA A 78 -3.49 8.36 16.77
N SER A 79 -4.33 8.20 17.78
CA SER A 79 -5.27 9.30 18.17
C SER A 79 -4.44 10.49 18.66
N GLY A 80 -3.28 10.27 19.28
CA GLY A 80 -2.34 11.34 19.69
C GLY A 80 -1.75 12.10 18.51
N PHE A 81 -1.53 11.42 17.39
CA PHE A 81 -0.98 12.02 16.15
C PHE A 81 -2.03 12.78 15.38
N ALA A 82 -3.31 12.54 15.66
CA ALA A 82 -4.44 13.22 14.98
C ALA A 82 -4.33 14.75 15.05
N THR A 83 -3.69 15.31 16.06
CA THR A 83 -3.59 16.79 16.24
C THR A 83 -2.38 17.34 15.46
N HIS A 84 -1.54 16.47 14.89
CA HIS A 84 -0.29 16.92 14.22
C HIS A 84 -0.66 17.31 12.79
N ARG A 85 -1.21 18.51 12.61
CA ARG A 85 -1.91 18.89 11.38
C ARG A 85 -1.11 19.95 10.62
N THR A 86 0.05 20.34 11.13
CA THR A 86 0.81 21.49 10.56
C THR A 86 2.21 21.04 10.15
N ARG A 87 2.61 21.35 8.90
CA ARG A 87 4.02 21.14 8.46
C ARG A 87 4.73 22.47 8.65
N ALA A 88 5.96 22.49 9.15
CA ALA A 88 6.65 23.76 9.44
C ALA A 88 8.12 23.66 9.14
N GLY A 89 8.73 24.81 8.85
CA GLY A 89 10.19 25.01 8.87
C GLY A 89 10.56 25.93 9.99
N VAL A 90 11.62 25.64 10.72
CA VAL A 90 12.05 26.41 11.89
C VAL A 90 13.56 26.49 11.84
N THR A 91 14.14 27.42 12.58
CA THR A 91 15.59 27.42 12.83
C THR A 91 15.90 26.33 13.85
N SER A 92 15.07 26.25 14.87
CA SER A 92 15.07 25.13 15.85
C SER A 92 13.68 25.07 16.46
N LEU A 93 13.33 24.00 17.17
CA LEU A 93 11.99 23.96 17.80
C LEU A 93 11.83 25.13 18.77
N ALA A 94 12.90 25.55 19.43
CA ALA A 94 12.85 26.67 20.43
C ALA A 94 12.87 28.04 19.73
N GLY A 95 13.18 28.06 18.44
CA GLY A 95 13.61 29.26 17.70
C GLY A 95 12.52 29.73 16.79
N GLU A 96 12.90 30.44 15.74
CA GLU A 96 11.90 31.14 14.92
C GLU A 96 11.27 30.19 13.91
N VAL A 97 9.98 30.38 13.66
CA VAL A 97 9.20 29.63 12.67
C VAL A 97 9.39 30.34 11.33
N LEU A 98 9.70 29.58 10.30
CA LEU A 98 10.12 30.12 8.97
C LEU A 98 8.99 29.93 7.99
N PHE A 99 8.17 28.90 8.17
CA PHE A 99 6.96 28.68 7.38
C PHE A 99 6.09 27.70 8.13
N SER A 100 4.80 27.74 7.87
CA SER A 100 3.78 26.86 8.49
C SER A 100 2.67 26.64 7.48
N LYS A 101 2.27 25.39 7.23
CA LYS A 101 1.13 25.06 6.32
C LYS A 101 0.41 23.79 6.80
N GLU A 102 -0.72 23.40 6.19
CA GLU A 102 -1.40 22.10 6.49
C GLU A 102 -0.60 20.93 5.91
N GLU A 103 -0.58 19.79 6.61
CA GLU A 103 0.18 18.59 6.15
C GLU A 103 -0.39 18.05 4.84
N LEU A 104 -1.72 17.93 4.73
CA LEU A 104 -2.44 17.49 3.50
C LEU A 104 -3.65 18.42 3.33
N GLU A 105 -3.54 19.33 2.35
CA GLU A 105 -4.37 20.56 2.19
C GLU A 105 -5.86 20.24 2.43
N GLY A 106 -6.46 19.40 1.59
CA GLY A 106 -7.91 19.13 1.58
C GLY A 106 -8.25 17.77 2.19
N ASP A 107 -7.43 17.28 3.13
CA ASP A 107 -7.74 16.07 3.94
C ASP A 107 -9.21 16.15 4.40
N ASP A 108 -9.70 17.37 4.68
CA ASP A 108 -11.05 17.69 5.24
C ASP A 108 -12.21 17.42 4.26
N ASP A 109 -12.03 17.50 2.93
CA ASP A 109 -13.12 17.35 1.91
C ASP A 109 -12.85 16.16 0.97
N LEU A 110 -12.14 15.15 1.48
CA LEU A 110 -11.96 13.86 0.78
C LEU A 110 -13.25 13.06 0.82
N GLY A 111 -14.24 13.51 1.60
CA GLY A 111 -15.33 12.67 2.09
C GLY A 111 -16.19 12.15 0.96
N ASP A 112 -16.21 12.87 -0.16
CA ASP A 112 -16.93 12.49 -1.40
C ASP A 112 -16.24 11.30 -2.09
N LEU A 113 -14.92 11.12 -1.87
CA LEU A 113 -14.09 10.15 -2.61
C LEU A 113 -13.78 8.91 -1.75
N THR A 114 -13.64 9.10 -0.45
CA THR A 114 -13.16 8.02 0.43
C THR A 114 -13.62 8.33 1.83
N PRO A 115 -13.91 7.28 2.67
CA PRO A 115 -14.17 7.48 4.07
C PRO A 115 -12.90 7.54 4.92
N SER A 116 -11.75 7.23 4.35
CA SER A 116 -10.47 7.34 5.06
C SER A 116 -9.85 8.74 4.94
N ARG A 117 -8.90 9.03 5.83
CA ARG A 117 -8.14 10.29 5.81
C ARG A 117 -6.68 9.95 5.97
N LEU A 118 -5.81 10.93 5.89
CA LEU A 118 -4.38 10.70 6.18
C LEU A 118 -4.27 10.13 7.58
N LEU A 119 -3.54 9.02 7.70
CA LEU A 119 -3.29 8.35 9.00
C LEU A 119 -1.82 8.61 9.28
N LEU A 120 -1.53 9.19 10.45
CA LEU A 120 -0.15 9.34 10.94
C LEU A 120 0.02 8.33 12.06
N LEU A 121 0.82 7.30 11.84
CA LEU A 121 1.09 6.25 12.83
C LEU A 121 2.48 5.71 12.55
N PRO A 122 3.42 5.86 13.49
CA PRO A 122 4.73 5.34 13.22
C PRO A 122 4.63 3.85 12.88
N GLN A 123 5.52 3.43 11.99
CA GLN A 123 5.58 2.05 11.46
C GLN A 123 5.71 1.03 12.59
N ASP A 124 6.45 1.32 13.68
CA ASP A 124 6.69 0.35 14.76
C ASP A 124 5.44 0.11 15.59
N ARG A 125 4.37 0.91 15.43
CA ARG A 125 3.07 0.70 16.10
C ARG A 125 2.07 0.09 15.14
N LEU A 126 2.29 0.23 13.84
CA LEU A 126 1.37 -0.37 12.84
C LEU A 126 1.75 -1.85 12.63
N GLU A 127 3.04 -2.16 12.60
CA GLU A 127 3.47 -3.55 12.32
C GLU A 127 2.87 -4.53 13.35
N PRO A 128 2.87 -4.24 14.67
CA PRO A 128 2.30 -5.19 15.65
C PRO A 128 0.83 -5.46 15.42
N LEU A 129 0.11 -4.46 14.93
CA LEU A 129 -1.33 -4.62 14.62
C LEU A 129 -1.46 -5.65 13.49
N LEU A 130 -0.68 -5.48 12.43
CA LEU A 130 -0.72 -6.44 11.31
C LEU A 130 -0.25 -7.82 11.77
N ARG A 131 0.80 -7.89 12.57
CA ARG A 131 1.32 -9.16 13.05
C ARG A 131 0.19 -9.90 13.80
N ASP A 132 -0.50 -9.21 14.72
CA ASP A 132 -1.50 -9.88 15.59
C ASP A 132 -2.67 -10.35 14.72
N ARG A 133 -3.03 -9.55 13.74
CA ARG A 133 -4.11 -9.87 12.79
C ARG A 133 -3.74 -11.09 11.94
N ALA A 134 -2.51 -11.14 11.43
CA ALA A 134 -2.02 -12.29 10.61
C ALA A 134 -2.09 -13.57 11.47
N VAL A 135 -1.64 -13.47 12.72
CA VAL A 135 -1.63 -14.65 13.64
C VAL A 135 -3.08 -15.09 13.86
N GLU A 136 -4.00 -14.17 14.15
CA GLU A 136 -5.42 -14.52 14.36
C GLU A 136 -5.99 -15.25 13.14
N LEU A 137 -5.63 -14.83 11.92
CA LEU A 137 -6.18 -15.41 10.66
C LEU A 137 -5.46 -16.71 10.33
N GLY A 138 -4.41 -17.08 11.05
CA GLY A 138 -3.81 -18.41 10.89
C GLY A 138 -2.47 -18.41 10.16
N ALA A 139 -1.90 -17.26 9.81
CA ALA A 139 -0.55 -17.24 9.20
C ALA A 139 0.45 -17.76 10.20
N ASP A 140 1.49 -18.44 9.69
CA ASP A 140 2.61 -18.99 10.50
C ASP A 140 3.80 -18.04 10.47
N LEU A 141 3.97 -17.18 11.48
CA LEU A 141 4.99 -16.11 11.42
C LEU A 141 6.19 -16.63 12.18
N ARG A 142 7.33 -16.66 11.53
CA ARG A 142 8.61 -17.11 12.08
C ARG A 142 9.58 -15.93 12.07
N PHE A 143 9.69 -15.26 13.22
CA PHE A 143 10.67 -14.20 13.47
C PHE A 143 11.98 -14.87 13.90
N GLY A 144 13.05 -14.12 13.82
CA GLY A 144 14.42 -14.58 14.06
C GLY A 144 14.81 -15.65 13.08
N THR A 145 14.24 -15.64 11.90
CA THR A 145 14.44 -16.71 10.91
C THR A 145 14.81 -16.06 9.60
N GLU A 146 15.97 -16.39 9.06
CA GLU A 146 16.48 -15.77 7.81
C GLU A 146 16.40 -16.75 6.65
N LEU A 147 15.91 -16.27 5.50
CA LEU A 147 16.05 -16.99 4.20
C LEU A 147 17.49 -16.78 3.74
N VAL A 148 18.19 -17.89 3.53
CA VAL A 148 19.64 -17.94 3.14
C VAL A 148 19.73 -18.14 1.63
N SER A 149 18.95 -19.04 1.06
CA SER A 149 19.03 -19.37 -0.37
C SER A 149 17.71 -20.03 -0.72
N PHE A 150 17.45 -20.13 -2.00
CA PHE A 150 16.27 -20.87 -2.49
C PHE A 150 16.58 -21.38 -3.90
N ALA A 151 15.75 -22.30 -4.35
CA ALA A 151 15.78 -22.84 -5.72
C ALA A 151 14.36 -23.11 -6.17
N GLU A 152 14.00 -22.62 -7.35
CA GLU A 152 12.71 -22.92 -7.99
C GLU A 152 12.86 -24.15 -8.89
N ASP A 153 11.87 -25.02 -8.88
CA ASP A 153 11.75 -26.16 -9.84
C ASP A 153 10.35 -26.05 -10.40
N PRO A 154 9.96 -26.89 -11.37
CA PRO A 154 8.64 -26.75 -12.02
C PRO A 154 7.44 -26.83 -11.05
N GLU A 155 7.61 -27.43 -9.87
CA GLU A 155 6.45 -27.64 -8.97
C GLU A 155 6.48 -26.76 -7.71
N GLY A 156 7.57 -26.04 -7.44
CA GLY A 156 7.62 -25.24 -6.23
C GLY A 156 8.97 -24.58 -6.03
N VAL A 157 9.11 -23.99 -4.85
CA VAL A 157 10.34 -23.33 -4.38
C VAL A 157 10.78 -24.04 -3.13
N THR A 158 12.07 -24.41 -3.07
CA THR A 158 12.67 -24.93 -1.85
C THR A 158 13.60 -23.84 -1.31
N ALA A 159 13.31 -23.41 -0.08
CA ALA A 159 14.03 -22.34 0.63
C ALA A 159 14.91 -22.96 1.68
N VAL A 160 16.07 -22.37 1.91
CA VAL A 160 16.92 -22.75 3.06
C VAL A 160 16.76 -21.66 4.12
N LEU A 161 16.39 -22.04 5.33
CA LEU A 161 16.07 -21.14 6.46
C LEU A 161 17.11 -21.32 7.57
N ASP A 162 17.48 -20.21 8.22
CA ASP A 162 18.44 -20.18 9.34
C ASP A 162 17.74 -19.43 10.48
N ASP A 163 17.43 -20.11 11.59
CA ASP A 163 16.86 -19.45 12.79
C ASP A 163 17.97 -19.20 13.83
N GLY A 164 19.23 -19.19 13.39
CA GLY A 164 20.41 -18.98 14.26
C GLY A 164 20.68 -20.14 15.21
N THR A 165 19.75 -21.08 15.40
CA THR A 165 19.87 -22.18 16.41
C THR A 165 20.76 -23.29 15.82
N GLY A 166 21.93 -22.92 15.30
CA GLY A 166 22.83 -23.83 14.57
C GLY A 166 22.37 -24.07 13.14
N GLY A 167 21.86 -25.28 12.88
CA GLY A 167 21.73 -25.84 11.52
C GLY A 167 20.59 -25.21 10.74
N THR A 168 20.70 -25.20 9.42
CA THR A 168 19.67 -24.68 8.49
C THR A 168 18.62 -25.78 8.24
N ARG A 169 17.39 -25.37 7.93
CA ARG A 169 16.22 -26.24 7.61
C ARG A 169 15.71 -25.82 6.23
N THR A 170 15.04 -26.72 5.53
CA THR A 170 14.41 -26.41 4.23
C THR A 170 12.94 -26.14 4.47
N PHE A 171 12.37 -25.38 3.57
CA PHE A 171 10.93 -25.12 3.56
C PHE A 171 10.50 -25.23 2.12
N ARG A 172 9.31 -25.78 1.86
CA ARG A 172 8.87 -25.92 0.47
C ARG A 172 7.54 -25.21 0.29
N SER A 173 7.47 -24.38 -0.72
CA SER A 173 6.24 -23.63 -1.05
C SER A 173 5.86 -23.78 -2.50
N SER A 174 4.65 -23.31 -2.88
CA SER A 174 4.28 -23.15 -4.29
C SER A 174 4.74 -21.81 -4.85
N TYR A 175 4.69 -20.76 -4.02
CA TYR A 175 5.10 -19.38 -4.37
C TYR A 175 6.02 -18.84 -3.29
N LEU A 176 6.92 -17.95 -3.71
CA LEU A 176 7.78 -17.20 -2.76
C LEU A 176 7.52 -15.74 -3.01
N VAL A 177 7.04 -15.04 -1.99
CA VAL A 177 6.75 -13.59 -2.11
C VAL A 177 7.86 -12.87 -1.34
N ALA A 178 8.71 -12.17 -2.08
CA ALA A 178 9.89 -11.48 -1.52
C ALA A 178 9.41 -10.11 -1.05
N CYS A 179 9.35 -9.94 0.25
CA CYS A 179 9.03 -8.65 0.91
C CYS A 179 10.24 -8.24 1.73
N ASP A 180 11.44 -8.48 1.17
CA ASP A 180 12.66 -8.44 1.99
C ASP A 180 13.46 -7.15 1.75
N GLY A 181 12.82 -6.09 1.31
CA GLY A 181 13.36 -4.72 1.43
C GLY A 181 14.32 -4.33 0.30
N PRO A 182 14.94 -3.14 0.44
CA PRO A 182 15.74 -2.58 -0.65
C PRO A 182 16.92 -3.45 -1.07
N ARG A 183 17.53 -4.18 -0.15
CA ARG A 183 18.69 -5.07 -0.44
C ARG A 183 18.22 -6.53 -0.51
N SER A 184 17.00 -6.75 -0.98
CA SER A 184 16.32 -8.05 -1.15
C SER A 184 17.31 -9.17 -1.46
N THR A 185 17.44 -10.11 -0.52
CA THR A 185 18.11 -11.40 -0.76
C THR A 185 17.59 -12.03 -2.05
N VAL A 186 16.27 -12.04 -2.20
CA VAL A 186 15.64 -12.81 -3.32
C VAL A 186 15.89 -12.08 -4.64
N ARG A 187 15.66 -10.80 -4.72
CA ARG A 187 15.88 -10.03 -5.97
C ARG A 187 17.35 -10.20 -6.39
N GLU A 188 18.25 -10.14 -5.44
CA GLU A 188 19.70 -10.20 -5.79
C GLU A 188 20.05 -11.61 -6.26
N ALA A 189 19.48 -12.65 -5.65
CA ALA A 189 19.72 -14.05 -6.04
C ALA A 189 19.25 -14.25 -7.49
N LEU A 190 18.14 -13.61 -7.85
CA LEU A 190 17.52 -13.75 -9.18
C LEU A 190 18.24 -12.87 -10.20
N LYS A 191 19.12 -11.97 -9.77
CA LYS A 191 19.85 -11.02 -10.62
C LYS A 191 18.87 -10.18 -11.44
N VAL A 192 17.76 -9.79 -10.82
CA VAL A 192 16.81 -8.88 -11.51
C VAL A 192 17.41 -7.50 -11.54
N PRO A 193 17.57 -6.89 -12.72
CA PRO A 193 18.06 -5.52 -12.77
C PRO A 193 16.99 -4.49 -12.35
N ARG A 194 17.47 -3.36 -11.86
CA ARG A 194 16.61 -2.24 -11.46
C ARG A 194 16.96 -1.05 -12.34
N GLN A 195 15.95 -0.26 -12.67
CA GLN A 195 16.11 0.96 -13.47
C GLN A 195 15.80 2.15 -12.60
N GLY A 196 16.35 3.31 -12.95
CA GLY A 196 15.99 4.60 -12.34
C GLY A 196 17.23 5.42 -12.10
N ARG A 197 17.09 6.53 -11.38
CA ARG A 197 18.23 7.43 -11.10
C ARG A 197 19.25 6.78 -10.17
N GLY A 198 18.95 5.67 -9.45
CA GLY A 198 19.87 5.08 -8.47
C GLY A 198 19.96 5.90 -7.16
N VAL A 199 21.08 5.81 -6.45
CA VAL A 199 21.29 6.48 -5.13
C VAL A 199 21.56 7.97 -5.36
N LEU A 200 20.76 8.83 -4.74
CA LEU A 200 20.84 10.30 -4.92
C LEU A 200 21.57 10.95 -3.73
N SER A 201 21.44 10.41 -2.53
CA SER A 201 22.00 11.03 -1.28
C SER A 201 21.96 10.03 -0.16
N ARG A 202 22.80 10.26 0.86
CA ARG A 202 23.03 9.33 1.99
C ARG A 202 22.52 10.01 3.26
N HIS A 203 21.84 9.24 4.11
CA HIS A 203 21.08 9.79 5.26
C HIS A 203 21.26 8.90 6.48
N VAL A 204 20.92 9.49 7.62
CA VAL A 204 20.72 8.73 8.88
C VAL A 204 19.48 9.28 9.56
N SER A 205 18.64 8.36 10.01
CA SER A 205 17.49 8.68 10.88
C SER A 205 17.89 8.46 12.33
N ILE A 206 17.74 9.49 13.15
CA ILE A 206 18.20 9.45 14.57
C ILE A 206 16.93 9.46 15.41
N ALA A 207 16.51 8.30 15.90
CA ALA A 207 15.40 8.21 16.86
C ALA A 207 15.91 8.65 18.24
N PHE A 208 15.19 9.53 18.90
CA PHE A 208 15.69 10.14 20.17
C PHE A 208 14.54 10.28 21.17
N GLY A 209 14.95 10.27 22.44
CA GLY A 209 14.16 10.70 23.59
C GLY A 209 14.59 12.07 24.05
N ALA A 210 13.64 12.97 24.22
CA ALA A 210 13.90 14.32 24.74
C ALA A 210 12.58 14.92 25.16
N ASP A 211 12.55 15.63 26.29
CA ASP A 211 11.29 16.26 26.72
C ASP A 211 11.07 17.53 25.89
N LEU A 212 10.14 17.49 24.94
CA LEU A 212 9.86 18.61 24.04
C LEU A 212 8.65 19.40 24.51
N ARG A 213 8.00 18.98 25.61
CA ARG A 213 6.74 19.60 26.06
C ARG A 213 7.01 21.09 26.34
N PRO A 214 8.08 21.49 27.04
CA PRO A 214 8.31 22.91 27.32
C PRO A 214 8.63 23.67 26.01
N VAL A 215 9.28 23.03 25.05
CA VAL A 215 9.71 23.76 23.80
C VAL A 215 8.52 23.91 22.84
N LEU A 216 7.70 22.87 22.68
CA LEU A 216 6.57 22.91 21.70
C LEU A 216 5.38 23.65 22.30
N GLY A 217 5.20 23.57 23.62
CA GLY A 217 3.99 24.13 24.22
C GLY A 217 2.76 23.43 23.67
N ASP A 218 1.82 24.21 23.16
CA ASP A 218 0.56 23.70 22.58
C ASP A 218 0.72 23.36 21.09
N ARG A 219 1.89 23.60 20.51
CA ARG A 219 2.08 23.38 19.06
C ARG A 219 2.23 21.89 18.78
N ARG A 220 1.66 21.46 17.67
CA ARG A 220 1.72 20.06 17.21
C ARG A 220 2.00 20.11 15.72
N TYR A 221 3.11 19.52 15.34
CA TYR A 221 3.54 19.49 13.93
C TYR A 221 3.51 18.05 13.39
N SER A 222 3.13 17.88 12.13
CA SER A 222 3.34 16.59 11.41
C SER A 222 4.83 16.43 11.21
N VAL A 223 5.39 17.36 10.46
CA VAL A 223 6.82 17.28 10.06
C VAL A 223 7.43 18.67 10.18
N VAL A 224 8.65 18.74 10.71
CA VAL A 224 9.38 20.01 10.94
C VAL A 224 10.66 19.97 10.11
N HIS A 225 10.83 20.95 9.25
CA HIS A 225 12.09 21.20 8.52
C HIS A 225 12.94 22.12 9.37
N VAL A 226 14.09 21.63 9.78
CA VAL A 226 15.00 22.37 10.68
C VAL A 226 16.17 22.87 9.84
N LYS A 227 16.44 24.17 9.96
CA LYS A 227 17.64 24.74 9.32
C LYS A 227 18.31 25.76 10.24
N ASN A 228 19.49 25.41 10.72
CA ASN A 228 20.34 26.37 11.44
C ASN A 228 21.77 26.01 11.14
N PRO A 229 22.74 26.86 11.55
CA PRO A 229 24.14 26.57 11.25
C PRO A 229 24.69 25.25 11.74
N GLN A 230 24.10 24.66 12.80
CA GLN A 230 24.61 23.39 13.39
C GLN A 230 23.94 22.16 12.76
N VAL A 231 22.77 22.29 12.12
CA VAL A 231 22.00 21.11 11.68
C VAL A 231 20.95 21.53 10.67
N THR A 232 20.84 20.75 9.61
CA THR A 232 19.75 20.81 8.63
C THR A 232 19.09 19.44 8.57
N GLY A 233 17.78 19.37 8.63
CA GLY A 233 17.15 18.04 8.64
C GLY A 233 15.66 18.13 8.84
N ILE A 234 15.08 16.96 9.02
CA ILE A 234 13.63 16.79 9.19
C ILE A 234 13.45 16.23 10.59
N LEU A 235 12.61 16.88 11.38
CA LEU A 235 12.26 16.37 12.72
C LEU A 235 10.78 15.98 12.70
N VAL A 236 10.50 14.78 13.21
CA VAL A 236 9.14 14.28 13.41
C VAL A 236 9.01 13.98 14.89
N HIS A 237 8.19 14.75 15.60
CA HIS A 237 8.02 14.53 17.06
C HIS A 237 6.92 13.49 17.29
N ASP A 238 7.03 12.73 18.36
CA ASP A 238 6.01 11.72 18.70
C ASP A 238 4.77 12.36 19.32
N ASP A 239 3.78 11.51 19.65
CA ASP A 239 2.50 11.95 20.20
C ASP A 239 2.62 12.34 21.70
N THR A 240 3.59 11.84 22.44
CA THR A 240 3.73 12.20 23.87
C THR A 240 4.64 13.43 24.02
N LEU A 241 5.24 13.91 22.94
CA LEU A 241 6.17 15.05 22.93
C LEU A 241 7.36 14.72 23.83
N THR A 242 7.76 13.45 23.90
CA THR A 242 8.97 13.04 24.66
C THR A 242 10.01 12.36 23.80
N GLY A 243 9.90 12.51 22.49
CA GLY A 243 10.92 12.00 21.58
C GLY A 243 10.50 12.21 20.16
N GLY A 244 11.24 11.63 19.25
CA GLY A 244 10.98 11.80 17.81
C GLY A 244 12.10 11.22 17.00
N THR A 245 12.15 11.63 15.74
CA THR A 245 13.22 11.23 14.82
C THR A 245 13.77 12.48 14.17
N LEU A 246 15.07 12.63 14.17
CA LEU A 246 15.76 13.70 13.39
C LEU A 246 16.42 13.03 12.20
N ILE A 247 16.10 13.43 11.00
CA ILE A 247 16.67 12.80 9.77
C ILE A 247 17.63 13.81 9.15
N VAL A 248 18.88 13.41 8.99
CA VAL A 248 19.94 14.29 8.42
C VAL A 248 20.63 13.59 7.24
N GLY A 249 21.39 14.38 6.47
CA GLY A 249 22.17 13.89 5.34
C GLY A 249 23.63 13.97 5.66
N TYR A 250 24.45 13.24 4.92
CA TYR A 250 25.91 13.42 4.99
C TYR A 250 26.47 13.19 3.61
N ARG A 251 27.68 13.69 3.39
CA ARG A 251 28.25 13.77 2.03
C ARG A 251 29.62 13.09 2.05
N PRO A 252 29.73 11.79 1.68
CA PRO A 252 31.03 11.11 1.63
C PRO A 252 32.04 11.88 0.76
N GLU A 253 31.57 12.61 -0.25
CA GLU A 253 32.46 13.36 -1.19
C GLU A 253 33.15 14.51 -0.42
N ASP A 254 32.69 14.83 0.80
CA ASP A 254 33.31 15.84 1.69
C ASP A 254 33.93 15.16 2.90
N GLY A 255 34.23 13.87 2.82
CA GLY A 255 34.89 13.12 3.91
C GLY A 255 33.97 12.79 5.07
N GLU A 256 32.65 12.93 4.91
CA GLU A 256 31.66 12.53 5.94
C GLU A 256 31.33 11.04 5.78
N SER A 257 31.08 10.36 6.88
CA SER A 257 30.69 8.94 6.82
C SER A 257 29.77 8.61 7.97
N LEU A 258 29.13 7.47 7.87
CA LEU A 258 28.27 6.93 8.95
C LEU A 258 29.03 6.86 10.25
N GLU A 259 30.34 6.60 10.18
CA GLU A 259 31.20 6.47 11.37
C GLU A 259 31.09 7.76 12.21
N ASP A 260 30.83 8.92 11.57
CA ASP A 260 30.72 10.24 12.24
C ASP A 260 29.56 10.28 13.26
N PHE A 261 28.54 9.47 13.02
CA PHE A 261 27.28 9.51 13.80
C PHE A 261 27.41 8.67 15.06
N THR A 262 28.39 9.02 15.90
CA THR A 262 28.49 8.51 17.28
C THR A 262 27.26 8.97 18.10
N ASP A 263 26.96 8.30 19.20
CA ASP A 263 25.88 8.73 20.13
C ASP A 263 26.05 10.23 20.45
N ASP A 264 27.27 10.65 20.80
CA ASP A 264 27.54 12.04 21.23
C ASP A 264 27.24 12.99 20.07
N ARG A 265 27.67 12.64 18.86
CA ARG A 265 27.46 13.50 17.67
C ARG A 265 25.95 13.55 17.39
N CYS A 266 25.25 12.43 17.51
CA CYS A 266 23.77 12.39 17.28
C CYS A 266 23.06 13.28 18.31
N ALA A 267 23.46 13.25 19.57
CA ALA A 267 22.82 14.05 20.64
C ALA A 267 23.09 15.54 20.37
N GLU A 268 24.29 15.89 19.94
CA GLU A 268 24.60 17.28 19.54
C GLU A 268 23.64 17.72 18.44
N LEU A 269 23.41 16.87 17.45
CA LEU A 269 22.53 17.28 16.33
C LEU A 269 21.11 17.43 16.81
N VAL A 270 20.62 16.49 17.65
CA VAL A 270 19.22 16.56 18.16
C VAL A 270 19.10 17.82 19.02
N GLY A 271 20.08 18.06 19.87
CA GLY A 271 20.05 19.24 20.76
C GLY A 271 20.01 20.53 19.94
N ALA A 272 20.75 20.58 18.83
CA ALA A 272 20.84 21.75 17.94
C ALA A 272 19.46 21.92 17.27
N ALA A 273 18.80 20.82 16.96
CA ALA A 273 17.50 20.87 16.26
C ALA A 273 16.44 21.37 17.23
N VAL A 274 16.50 20.93 18.48
CA VAL A 274 15.54 21.32 19.54
C VAL A 274 15.79 22.79 19.94
N GLY A 275 17.05 23.18 20.14
CA GLY A 275 17.47 24.60 20.23
C GLY A 275 17.31 25.15 21.63
N ALA A 276 16.94 24.34 22.61
CA ALA A 276 16.77 24.76 24.03
C ALA A 276 17.95 24.24 24.84
N PRO A 277 18.79 25.10 25.45
CA PRO A 277 19.78 24.63 26.42
C PRO A 277 19.13 23.83 27.56
N GLY A 278 19.86 22.80 28.02
CA GLY A 278 19.47 21.97 29.17
C GLY A 278 18.53 20.85 28.80
N VAL A 279 18.26 20.63 27.50
CA VAL A 279 17.37 19.50 27.09
C VAL A 279 18.26 18.26 27.09
N GLU A 280 17.90 17.28 27.91
CA GLU A 280 18.68 16.01 27.96
C GLU A 280 18.23 15.15 26.78
N VAL A 281 19.18 14.65 26.03
CA VAL A 281 18.85 13.86 24.82
C VAL A 281 19.33 12.43 25.04
N THR A 282 18.43 11.46 24.80
CA THR A 282 18.74 10.03 24.70
C THR A 282 18.65 9.60 23.24
N ILE A 283 19.68 8.95 22.75
CA ILE A 283 19.66 8.38 21.38
C ILE A 283 19.14 6.95 21.47
N ARG A 284 18.04 6.66 20.79
CA ARG A 284 17.32 5.36 20.88
C ARG A 284 17.79 4.43 19.75
N SER A 285 17.87 4.92 18.52
CA SER A 285 18.33 4.10 17.37
C SER A 285 18.85 5.02 16.27
N ARG A 286 19.79 4.49 15.48
CA ARG A 286 20.40 5.19 14.34
C ARG A 286 20.13 4.27 13.16
N PHE A 287 19.37 4.78 12.20
CA PHE A 287 18.97 3.98 11.00
C PHE A 287 19.55 4.63 9.76
N PRO A 288 20.64 4.08 9.19
CA PRO A 288 21.18 4.61 7.95
C PRO A 288 20.31 4.21 6.76
N TRP A 289 20.20 5.09 5.79
CA TRP A 289 19.46 4.78 4.55
C TRP A 289 19.92 5.69 3.45
N ASP A 290 19.69 5.25 2.22
CA ASP A 290 20.03 6.04 1.02
C ASP A 290 18.75 6.47 0.36
N MET A 291 18.72 7.71 -0.05
CA MET A 291 17.66 8.29 -0.87
C MET A 291 17.90 7.72 -2.28
N ALA A 292 16.97 6.92 -2.80
CA ALA A 292 17.23 6.21 -4.07
C ALA A 292 15.97 6.06 -4.90
N GLU A 293 16.20 5.89 -6.20
CA GLU A 293 15.08 5.67 -7.15
C GLU A 293 15.44 4.45 -7.98
N GLN A 294 14.89 3.29 -7.63
CA GLN A 294 15.31 2.02 -8.27
C GLN A 294 14.12 1.08 -8.36
N VAL A 295 13.67 0.76 -9.57
CA VAL A 295 12.51 -0.16 -9.75
C VAL A 295 12.98 -1.40 -10.51
N ALA A 296 12.64 -2.58 -10.01
CA ALA A 296 12.94 -3.86 -10.66
C ALA A 296 12.29 -3.89 -12.05
N GLU A 297 12.97 -4.45 -13.03
CA GLU A 297 12.47 -4.51 -14.44
C GLU A 297 11.27 -5.46 -14.57
N SER A 298 11.12 -6.40 -13.66
CA SER A 298 9.97 -7.34 -13.62
C SER A 298 9.71 -7.74 -12.18
N PHE A 299 8.46 -7.88 -11.81
CA PHE A 299 8.12 -8.26 -10.41
C PHE A 299 7.73 -9.72 -10.29
N VAL A 300 7.60 -10.44 -11.41
CA VAL A 300 7.20 -11.86 -11.38
C VAL A 300 8.25 -12.69 -12.13
N HIS A 301 8.78 -13.66 -11.41
CA HIS A 301 9.88 -14.56 -11.85
C HIS A 301 9.43 -15.98 -11.59
N GLY A 302 8.55 -16.50 -12.45
CA GLY A 302 7.97 -17.83 -12.23
C GLY A 302 7.15 -17.85 -10.97
N ARG A 303 7.59 -18.58 -9.97
CA ARG A 303 6.89 -18.77 -8.69
C ARG A 303 7.37 -17.76 -7.64
N VAL A 304 8.27 -16.87 -8.06
CA VAL A 304 8.83 -15.84 -7.14
C VAL A 304 8.25 -14.48 -7.51
N LEU A 305 7.71 -13.76 -6.51
CA LEU A 305 7.12 -12.43 -6.71
C LEU A 305 7.88 -11.42 -5.87
N LEU A 306 8.14 -10.24 -6.41
CA LEU A 306 8.79 -9.16 -5.62
C LEU A 306 7.72 -8.19 -5.22
N ALA A 307 7.71 -7.75 -3.95
CA ALA A 307 6.73 -6.76 -3.47
C ALA A 307 7.46 -5.76 -2.56
N GLY A 308 6.90 -4.58 -2.45
CA GLY A 308 7.38 -3.51 -1.57
C GLY A 308 8.74 -3.04 -2.05
N ASP A 309 9.62 -2.75 -1.11
CA ASP A 309 10.92 -2.11 -1.44
C ASP A 309 11.84 -3.09 -2.16
N ALA A 310 11.61 -4.42 -2.05
CA ALA A 310 12.33 -5.42 -2.88
C ALA A 310 12.07 -5.12 -4.35
N ALA A 311 10.87 -4.65 -4.68
CA ALA A 311 10.46 -4.37 -6.06
C ALA A 311 10.77 -2.93 -6.44
N HIS A 312 10.70 -1.98 -5.50
CA HIS A 312 10.81 -0.53 -5.83
C HIS A 312 11.28 0.22 -4.59
N VAL A 313 12.36 0.96 -4.75
CA VAL A 313 12.79 1.98 -3.75
C VAL A 313 12.46 3.34 -4.33
N VAL A 314 11.75 4.14 -3.57
CA VAL A 314 11.36 5.50 -4.02
C VAL A 314 11.93 6.46 -3.00
N PRO A 315 12.34 7.67 -3.43
CA PRO A 315 12.76 8.70 -2.47
C PRO A 315 11.63 8.93 -1.48
N PRO A 316 11.88 8.95 -0.15
CA PRO A 316 10.79 9.06 0.81
C PRO A 316 10.04 10.39 0.84
N THR A 317 10.46 11.37 0.04
CA THR A 317 9.78 12.66 -0.10
C THR A 317 8.42 12.36 -0.75
N GLY A 318 7.35 12.61 -0.04
CA GLY A 318 6.01 12.27 -0.50
C GLY A 318 5.42 11.11 0.29
N GLY A 319 6.23 10.32 0.99
CA GLY A 319 5.75 9.19 1.82
C GLY A 319 4.97 8.18 1.01
N TYR A 320 5.46 7.77 -0.14
CA TYR A 320 4.74 6.80 -0.99
C TYR A 320 5.14 5.35 -0.74
N GLY A 321 6.31 5.04 -0.19
CA GLY A 321 6.86 3.69 -0.29
C GLY A 321 5.98 2.62 0.40
N ALA A 322 5.61 2.79 1.68
CA ALA A 322 4.85 1.74 2.37
C ALA A 322 3.45 1.73 1.76
N ASN A 323 2.90 2.91 1.43
CA ASN A 323 1.58 2.97 0.75
C ASN A 323 1.61 2.05 -0.48
N THR A 324 2.62 2.22 -1.31
CA THR A 324 2.78 1.45 -2.58
C THR A 324 2.96 -0.04 -2.27
N GLY A 325 3.81 -0.38 -1.29
CA GLY A 325 4.08 -1.80 -0.98
C GLY A 325 2.82 -2.52 -0.44
N ILE A 326 2.02 -1.84 0.39
CA ILE A 326 0.81 -2.45 0.98
C ILE A 326 -0.18 -2.66 -0.18
N ALA A 327 -0.21 -1.75 -1.14
CA ALA A 327 -1.10 -1.96 -2.30
C ALA A 327 -0.59 -3.13 -3.20
N ASP A 328 0.72 -3.36 -3.30
CA ASP A 328 1.30 -4.52 -4.01
C ASP A 328 0.82 -5.82 -3.31
N ALA A 329 0.98 -5.93 -2.00
CA ALA A 329 0.55 -7.10 -1.20
C ALA A 329 -0.93 -7.42 -1.46
N HIS A 330 -1.75 -6.38 -1.42
CA HIS A 330 -3.20 -6.44 -1.66
C HIS A 330 -3.50 -6.91 -3.08
N ASN A 331 -2.74 -6.45 -4.05
CA ASN A 331 -2.96 -6.88 -5.47
C ASN A 331 -2.69 -8.38 -5.63
N LEU A 332 -1.55 -8.85 -5.13
CA LEU A 332 -1.08 -10.21 -5.40
C LEU A 332 -1.86 -11.25 -4.59
N ALA A 333 -2.28 -10.95 -3.37
CA ALA A 333 -2.80 -11.96 -2.42
C ALA A 333 -4.04 -12.66 -3.00
N TRP A 334 -5.05 -11.94 -3.49
CA TRP A 334 -6.24 -12.60 -4.03
C TRP A 334 -5.90 -13.46 -5.26
N LYS A 335 -4.90 -13.04 -6.04
CA LYS A 335 -4.53 -13.74 -7.29
C LYS A 335 -3.91 -15.07 -6.90
N LEU A 336 -2.94 -15.06 -5.98
CA LEU A 336 -2.36 -16.34 -5.54
C LEU A 336 -3.46 -17.23 -4.92
N ALA A 337 -4.40 -16.67 -4.20
CA ALA A 337 -5.50 -17.43 -3.56
C ALA A 337 -6.30 -18.15 -4.65
N LEU A 338 -6.68 -17.46 -5.71
CA LEU A 338 -7.51 -18.06 -6.78
C LEU A 338 -6.71 -19.09 -7.58
N VAL A 339 -5.41 -18.86 -7.80
CA VAL A 339 -4.54 -19.87 -8.51
C VAL A 339 -4.42 -21.09 -7.59
N ALA A 340 -4.13 -20.91 -6.30
CA ALA A 340 -3.98 -22.04 -5.35
C ALA A 340 -5.30 -22.81 -5.25
N ALA A 341 -6.44 -22.14 -5.41
CA ALA A 341 -7.77 -22.76 -5.31
C ALA A 341 -8.10 -23.52 -6.60
N GLY A 342 -7.33 -23.36 -7.68
CA GLY A 342 -7.61 -23.99 -9.00
C GLY A 342 -8.72 -23.30 -9.78
N VAL A 343 -9.10 -22.10 -9.38
CA VAL A 343 -10.18 -21.33 -10.05
C VAL A 343 -9.56 -20.37 -11.07
N ALA A 344 -8.26 -20.07 -10.97
CA ALA A 344 -7.59 -19.19 -11.95
C ALA A 344 -6.37 -19.93 -12.50
N GLY A 345 -6.00 -19.60 -13.74
CA GLY A 345 -4.76 -20.11 -14.32
C GLY A 345 -3.58 -19.28 -13.86
N PRO A 346 -2.35 -19.82 -13.95
CA PRO A 346 -1.15 -19.10 -13.52
C PRO A 346 -0.87 -17.77 -14.24
N GLY A 347 -1.47 -17.53 -15.40
CA GLY A 347 -1.40 -16.24 -16.09
C GLY A 347 -1.92 -15.11 -15.22
N LEU A 348 -2.79 -15.42 -14.25
CA LEU A 348 -3.33 -14.36 -13.39
C LEU A 348 -2.17 -13.77 -12.56
N VAL A 349 -1.21 -14.60 -12.22
CA VAL A 349 -0.06 -14.17 -11.38
C VAL A 349 0.73 -13.11 -12.15
N GLU A 350 0.89 -13.28 -13.45
CA GLU A 350 1.69 -12.35 -14.29
C GLU A 350 1.08 -10.93 -14.23
N THR A 351 -0.22 -10.83 -14.08
CA THR A 351 -0.90 -9.52 -14.05
C THR A 351 -0.43 -8.72 -12.83
N TYR A 352 0.15 -9.35 -11.82
CA TYR A 352 0.72 -8.60 -10.68
C TYR A 352 1.82 -7.64 -11.21
N ASP A 353 2.66 -8.15 -12.09
CA ASP A 353 3.71 -7.33 -12.75
C ASP A 353 3.05 -6.30 -13.63
N ALA A 354 2.09 -6.69 -14.51
CA ALA A 354 1.53 -5.78 -15.51
C ALA A 354 0.89 -4.58 -14.82
N GLU A 355 0.32 -4.79 -13.62
CA GLU A 355 -0.47 -3.76 -12.91
C GLU A 355 0.42 -2.96 -11.96
N ARG A 356 1.25 -3.63 -11.21
CA ARG A 356 1.96 -2.93 -10.11
C ARG A 356 3.27 -2.30 -10.60
N ARG A 357 3.90 -2.86 -11.63
CA ARG A 357 5.23 -2.32 -12.02
C ARG A 357 5.04 -0.91 -12.58
N PRO A 358 4.08 -0.64 -13.49
CA PRO A 358 3.94 0.71 -14.02
C PRO A 358 3.62 1.72 -12.90
N VAL A 359 2.84 1.30 -11.89
CA VAL A 359 2.55 2.16 -10.72
C VAL A 359 3.86 2.47 -10.00
N ALA A 360 4.69 1.48 -9.85
CA ALA A 360 5.96 1.61 -9.12
C ALA A 360 6.85 2.63 -9.85
N VAL A 361 6.93 2.52 -11.17
CA VAL A 361 7.72 3.49 -11.99
C VAL A 361 7.17 4.90 -11.80
N TYR A 362 5.88 5.08 -11.92
CA TYR A 362 5.23 6.40 -11.80
C TYR A 362 5.47 6.96 -10.41
N THR A 363 5.35 6.09 -9.42
CA THR A 363 5.45 6.52 -8.00
C THR A 363 6.91 6.91 -7.70
N ALA A 364 7.86 6.12 -8.15
CA ALA A 364 9.30 6.38 -7.96
C ALA A 364 9.63 7.75 -8.56
N GLU A 365 9.07 8.04 -9.73
CA GLU A 365 9.28 9.34 -10.42
C GLU A 365 8.65 10.48 -9.61
N GLN A 366 7.50 10.23 -9.00
CA GLN A 366 6.80 11.23 -8.16
C GLN A 366 7.66 11.56 -6.95
N GLY A 367 8.26 10.55 -6.33
CA GLY A 367 9.17 10.74 -5.18
C GLY A 367 10.31 11.64 -5.62
N SER A 368 10.89 11.32 -6.76
CA SER A 368 12.01 12.08 -7.37
C SER A 368 11.59 13.52 -7.68
N LEU A 369 10.39 13.74 -8.19
CA LEU A 369 9.89 15.10 -8.51
C LEU A 369 9.70 15.93 -7.24
N GLN A 370 9.12 15.33 -6.20
CA GLN A 370 8.96 15.96 -4.87
C GLN A 370 10.34 16.37 -4.36
N LEU A 371 11.33 15.51 -4.54
CA LEU A 371 12.70 15.76 -4.05
C LEU A 371 13.30 16.96 -4.81
N ALA A 372 13.18 16.99 -6.14
CA ALA A 372 13.58 18.13 -6.99
C ALA A 372 12.86 19.40 -6.52
N LEU A 373 11.56 19.33 -6.25
CA LEU A 373 10.69 20.47 -5.88
C LEU A 373 11.20 21.06 -4.54
N ARG A 374 11.44 20.23 -3.54
CA ARG A 374 11.89 20.67 -2.18
C ARG A 374 13.33 21.17 -2.26
N SER A 375 14.13 20.61 -3.17
CA SER A 375 15.57 20.91 -3.38
C SER A 375 15.75 22.18 -4.22
N GLY A 376 14.65 22.77 -4.71
CA GLY A 376 14.65 23.96 -5.57
C GLY A 376 15.26 23.72 -6.95
N THR A 377 15.52 22.46 -7.35
CA THR A 377 16.20 22.10 -8.63
C THR A 377 15.15 21.77 -9.72
N ALA A 378 13.85 21.99 -9.43
CA ALA A 378 12.74 21.53 -10.31
C ALA A 378 12.56 22.53 -11.46
N THR A 379 12.60 22.03 -12.70
CA THR A 379 12.21 22.80 -13.91
C THR A 379 10.72 23.10 -13.82
N PRO A 380 10.22 24.10 -14.58
CA PRO A 380 8.80 24.38 -14.63
C PRO A 380 7.98 23.14 -15.05
N GLU A 381 8.57 22.30 -15.90
CA GLU A 381 7.88 21.08 -16.39
C GLU A 381 7.85 20.08 -15.22
N GLN A 382 8.93 19.94 -14.47
CA GLN A 382 8.98 18.98 -13.31
C GLN A 382 8.00 19.44 -12.24
N GLN A 383 7.90 20.75 -11.96
CA GLN A 383 6.89 21.30 -11.02
C GLN A 383 5.49 20.91 -11.49
N ALA A 384 5.18 21.10 -12.78
CA ALA A 384 3.84 20.81 -13.31
C ALA A 384 3.54 19.29 -13.18
N ALA A 385 4.55 18.41 -13.23
CA ALA A 385 4.39 16.94 -13.26
C ALA A 385 4.10 16.40 -11.85
N VAL A 386 4.28 17.20 -10.80
CA VAL A 386 4.03 16.70 -9.41
C VAL A 386 2.53 16.49 -9.21
N ALA A 387 2.14 15.29 -8.78
CA ALA A 387 0.72 14.92 -8.58
C ALA A 387 0.39 15.00 -7.09
N ASP A 388 -0.88 15.26 -6.81
CA ASP A 388 -1.55 15.13 -5.50
C ASP A 388 -1.33 13.70 -4.99
N ALA A 389 -0.95 13.51 -3.72
CA ALA A 389 -0.76 12.15 -3.15
C ALA A 389 -2.01 11.31 -3.28
N VAL A 390 -3.23 11.88 -3.30
CA VAL A 390 -4.46 11.07 -3.44
C VAL A 390 -4.58 10.60 -4.90
N THR A 391 -4.11 11.38 -5.88
CA THR A 391 -4.07 10.92 -7.28
C THR A 391 -3.08 9.76 -7.36
N VAL A 392 -1.89 9.91 -6.77
CA VAL A 392 -0.85 8.85 -6.91
C VAL A 392 -1.40 7.53 -6.33
N THR A 393 -2.10 7.62 -5.20
CA THR A 393 -2.44 6.39 -4.42
C THR A 393 -3.84 5.88 -4.72
N SER A 394 -4.75 6.72 -5.16
CA SER A 394 -6.18 6.36 -5.41
C SER A 394 -6.54 6.43 -6.88
N GLY A 395 -5.70 7.03 -7.73
CA GLY A 395 -6.09 7.35 -9.12
C GLY A 395 -5.51 6.41 -10.14
N GLN A 396 -5.05 5.22 -9.70
CA GLN A 396 -4.36 4.28 -10.59
C GLN A 396 -5.31 3.65 -11.60
N ALA A 397 -4.80 3.39 -12.81
CA ALA A 397 -5.52 2.63 -13.85
C ALA A 397 -4.64 1.48 -14.32
N TYR A 398 -5.16 0.26 -14.20
CA TYR A 398 -4.45 -0.99 -14.57
C TYR A 398 -4.79 -1.36 -16.02
N ARG A 399 -3.81 -1.87 -16.73
CA ARG A 399 -4.01 -2.54 -18.05
C ARG A 399 -3.36 -3.91 -17.93
N SER A 400 -4.13 -4.97 -18.04
CA SER A 400 -3.62 -6.34 -17.92
C SER A 400 -4.69 -7.29 -18.42
N THR A 401 -4.39 -8.57 -18.47
CA THR A 401 -5.43 -9.58 -18.79
C THR A 401 -6.49 -9.68 -17.71
N ALA A 402 -6.28 -9.09 -16.51
CA ALA A 402 -7.30 -9.11 -15.43
C ALA A 402 -8.16 -7.85 -15.47
N VAL A 403 -8.09 -7.09 -16.58
CA VAL A 403 -8.97 -5.94 -16.88
C VAL A 403 -9.48 -6.13 -18.30
N VAL A 404 -10.80 -6.14 -18.44
CA VAL A 404 -11.47 -6.17 -19.78
C VAL A 404 -12.12 -4.82 -20.03
N GLY A 405 -11.47 -4.05 -20.90
CA GLY A 405 -11.88 -2.71 -21.34
C GLY A 405 -13.17 -2.77 -22.13
N GLU A 406 -13.88 -1.66 -22.19
CA GLU A 406 -15.09 -1.56 -23.05
C GLU A 406 -14.62 -1.51 -24.51
N PRO A 407 -15.44 -2.01 -25.45
CA PRO A 407 -15.09 -1.93 -26.87
C PRO A 407 -14.73 -0.49 -27.26
N ASP A 408 -15.58 0.47 -26.88
CA ASP A 408 -15.42 1.92 -27.16
C ASP A 408 -14.38 2.52 -26.20
N GLY A 409 -14.11 1.89 -25.05
CA GLY A 409 -13.20 2.37 -23.99
C GLY A 409 -11.81 2.71 -24.54
N ALA A 410 -11.21 3.79 -24.01
CA ALA A 410 -9.85 4.27 -24.35
C ALA A 410 -8.86 3.91 -23.23
N ASP A 411 -7.56 3.97 -23.53
CA ASP A 411 -6.45 3.58 -22.63
C ASP A 411 -6.24 4.70 -21.61
N LEU A 412 -6.29 4.37 -20.32
CA LEU A 412 -6.20 5.34 -19.21
C LEU A 412 -4.74 5.54 -18.80
N PRO A 413 -4.45 6.70 -18.23
CA PRO A 413 -3.09 6.96 -17.73
C PRO A 413 -2.79 6.08 -16.53
N VAL A 414 -1.52 5.92 -16.16
CA VAL A 414 -1.16 5.08 -14.99
C VAL A 414 -1.79 5.67 -13.73
N ALA A 415 -1.86 6.99 -13.61
CA ALA A 415 -2.56 7.64 -12.49
C ALA A 415 -3.07 9.01 -12.93
N SER A 416 -4.29 9.33 -12.53
CA SER A 416 -4.94 10.59 -12.89
C SER A 416 -6.04 10.89 -11.89
N ASP A 417 -6.61 12.08 -11.99
CA ASP A 417 -7.61 12.57 -11.04
C ASP A 417 -8.65 11.48 -10.76
N PRO A 418 -8.71 10.97 -9.52
CA PRO A 418 -9.64 9.89 -9.20
C PRO A 418 -11.10 10.30 -9.34
N ARG A 419 -11.38 11.61 -9.18
CA ARG A 419 -12.75 12.13 -9.29
C ARG A 419 -13.25 11.93 -10.71
N GLU A 420 -12.39 11.80 -11.71
CA GLU A 420 -12.89 11.64 -13.11
C GLU A 420 -13.02 10.17 -13.51
N LEU A 421 -12.43 9.22 -12.78
CA LEU A 421 -12.32 7.82 -13.30
C LEU A 421 -13.69 7.10 -13.32
N ARG A 422 -14.56 7.40 -12.37
CA ARG A 422 -15.99 6.99 -12.37
C ARG A 422 -16.16 5.49 -12.72
N GLY A 423 -15.36 4.64 -12.08
CA GLY A 423 -15.54 3.17 -12.17
C GLY A 423 -15.15 2.63 -13.53
N ALA A 424 -14.27 3.31 -14.29
CA ALA A 424 -13.70 2.73 -15.51
C ALA A 424 -13.00 1.43 -15.18
N PRO A 425 -13.01 0.46 -16.10
CA PRO A 425 -12.24 -0.77 -15.92
C PRO A 425 -10.77 -0.46 -15.62
N GLY A 426 -10.25 -1.18 -14.64
CA GLY A 426 -8.85 -1.03 -14.21
C GLY A 426 -8.68 -0.01 -13.08
N THR A 427 -9.71 0.71 -12.67
CA THR A 427 -9.66 1.74 -11.62
C THR A 427 -10.40 1.28 -10.38
N ARG A 428 -10.13 1.97 -9.29
CA ARG A 428 -10.81 1.73 -8.00
C ARG A 428 -12.31 1.90 -8.15
N ALA A 429 -13.09 0.89 -7.81
CA ALA A 429 -14.58 0.97 -7.85
C ALA A 429 -14.97 2.03 -6.85
N PRO A 430 -15.76 3.06 -7.24
CA PRO A 430 -16.00 4.18 -6.35
C PRO A 430 -16.73 3.86 -5.06
N TYR A 431 -16.48 4.73 -4.09
CA TYR A 431 -17.07 4.71 -2.74
C TYR A 431 -18.47 5.32 -2.82
N VAL A 432 -19.47 4.53 -2.50
CA VAL A 432 -20.88 5.02 -2.43
C VAL A 432 -21.48 4.38 -1.18
N GLU A 433 -22.23 5.14 -0.40
CA GLU A 433 -22.92 4.59 0.77
C GLU A 433 -24.30 4.13 0.30
N LEU A 434 -24.59 2.87 0.49
CA LEU A 434 -25.81 2.20 0.01
C LEU A 434 -26.55 1.66 1.24
N LEU A 435 -27.75 1.13 1.05
CA LEU A 435 -28.50 0.49 2.17
C LEU A 435 -28.64 -1.00 1.88
N ARG A 436 -28.47 -1.80 2.90
CA ARG A 436 -28.74 -3.26 2.89
C ARG A 436 -29.40 -3.60 4.22
N GLY A 437 -30.56 -4.25 4.19
CA GLY A 437 -31.28 -4.50 5.44
C GLY A 437 -31.61 -3.16 6.08
N GLY A 438 -31.39 -3.01 7.39
CA GLY A 438 -31.55 -1.71 8.03
C GLY A 438 -30.24 -0.98 8.15
N GLU A 439 -29.16 -1.43 7.50
CA GLU A 439 -27.83 -0.82 7.73
C GLU A 439 -27.39 -0.01 6.51
N THR A 440 -26.51 0.94 6.74
CA THR A 440 -25.72 1.60 5.68
C THR A 440 -24.52 0.70 5.40
N VAL A 441 -24.26 0.46 4.12
CA VAL A 441 -23.05 -0.31 3.75
C VAL A 441 -22.34 0.46 2.62
N SER A 442 -21.05 0.69 2.81
CA SER A 442 -20.11 1.22 1.81
C SER A 442 -19.97 0.22 0.66
N THR A 443 -19.94 0.64 -0.60
CA THR A 443 -19.49 -0.21 -1.72
C THR A 443 -18.14 -0.84 -1.33
N LEU A 444 -17.28 -0.07 -0.68
CA LEU A 444 -15.90 -0.53 -0.36
C LEU A 444 -16.00 -1.74 0.61
N ASP A 445 -16.98 -1.74 1.49
CA ASP A 445 -17.15 -2.89 2.43
C ASP A 445 -17.74 -4.12 1.74
N LEU A 446 -18.30 -4.01 0.53
CA LEU A 446 -18.67 -5.20 -0.28
C LEU A 446 -17.45 -5.89 -0.86
N PHE A 447 -16.34 -5.15 -1.05
CA PHE A 447 -15.17 -5.67 -1.77
C PHE A 447 -14.19 -6.27 -0.78
N GLY A 448 -13.30 -7.10 -1.32
CA GLY A 448 -12.13 -7.60 -0.56
C GLY A 448 -12.06 -9.10 -0.48
N ARG A 449 -13.14 -9.83 -0.75
CA ARG A 449 -13.08 -11.33 -0.72
C ARG A 449 -13.41 -11.89 -2.09
N ASP A 450 -14.65 -11.71 -2.50
CA ASP A 450 -15.17 -12.34 -3.73
C ASP A 450 -15.31 -11.27 -4.80
N PHE A 451 -15.41 -11.74 -6.04
CA PHE A 451 -15.89 -10.88 -7.13
C PHE A 451 -17.27 -10.38 -6.73
N VAL A 452 -17.56 -9.13 -7.11
CA VAL A 452 -18.87 -8.52 -6.85
C VAL A 452 -19.39 -7.98 -8.17
N LEU A 453 -20.62 -8.29 -8.47
CA LEU A 453 -21.26 -7.69 -9.65
C LEU A 453 -22.36 -6.76 -9.13
N LEU A 454 -22.26 -5.49 -9.46
CA LEU A 454 -23.33 -4.52 -9.12
C LEU A 454 -24.03 -4.14 -10.42
N THR A 455 -25.35 -4.20 -10.44
CA THR A 455 -26.11 -3.84 -11.65
C THR A 455 -27.02 -2.65 -11.39
N GLY A 456 -27.49 -2.02 -12.46
CA GLY A 456 -28.62 -1.11 -12.37
C GLY A 456 -29.87 -1.83 -11.91
N GLU A 457 -30.94 -1.07 -11.70
CA GLU A 457 -32.21 -1.59 -11.17
C GLU A 457 -32.83 -2.68 -12.06
N HIS A 458 -32.60 -2.62 -13.37
CA HIS A 458 -33.18 -3.53 -14.38
C HIS A 458 -32.10 -4.50 -14.87
N GLY A 459 -31.13 -4.81 -14.01
CA GLY A 459 -29.98 -5.65 -14.43
C GLY A 459 -30.15 -7.15 -14.23
N ARG A 460 -31.36 -7.71 -14.20
CA ARG A 460 -31.59 -9.15 -13.89
C ARG A 460 -30.86 -10.06 -14.90
N GLU A 461 -30.64 -9.64 -16.15
CA GLU A 461 -29.93 -10.52 -17.11
C GLU A 461 -28.49 -10.66 -16.66
N TRP A 462 -27.89 -9.57 -16.16
CA TRP A 462 -26.50 -9.64 -15.62
C TRP A 462 -26.50 -10.43 -14.32
N ILE A 463 -27.47 -10.24 -13.44
CA ILE A 463 -27.56 -11.03 -12.19
C ILE A 463 -27.60 -12.53 -12.56
N SER A 464 -28.46 -12.90 -13.50
CA SER A 464 -28.63 -14.31 -13.95
C SER A 464 -27.31 -14.84 -14.48
N ALA A 465 -26.58 -13.99 -15.19
CA ALA A 465 -25.28 -14.33 -15.80
C ALA A 465 -24.30 -14.61 -14.68
N ALA A 466 -24.40 -13.88 -13.57
CA ALA A 466 -23.45 -14.07 -12.45
C ALA A 466 -23.75 -15.40 -11.75
N VAL A 467 -25.01 -15.68 -11.53
CA VAL A 467 -25.44 -16.95 -10.89
C VAL A 467 -24.91 -18.12 -11.75
N SER A 468 -25.11 -18.07 -13.07
CA SER A 468 -24.69 -19.14 -14.02
C SER A 468 -23.18 -19.27 -14.03
N ALA A 469 -22.49 -18.14 -14.15
CA ALA A 469 -21.02 -18.18 -14.23
C ALA A 469 -20.46 -18.70 -12.91
N SER A 470 -21.09 -18.36 -11.80
CA SER A 470 -20.60 -18.82 -10.47
C SER A 470 -20.60 -20.35 -10.45
N ALA A 471 -21.65 -20.99 -10.95
CA ALA A 471 -21.75 -22.46 -10.99
C ALA A 471 -20.76 -23.03 -12.01
N GLY A 472 -20.72 -22.44 -13.21
CA GLY A 472 -19.88 -22.87 -14.32
C GLY A 472 -18.41 -22.79 -14.01
N LEU A 473 -17.98 -21.74 -13.34
CA LEU A 473 -16.51 -21.52 -13.13
C LEU A 473 -16.08 -21.87 -11.71
N GLY A 474 -16.98 -22.25 -10.84
CA GLY A 474 -16.60 -22.64 -9.46
C GLY A 474 -16.17 -21.43 -8.63
N LEU A 475 -16.77 -20.27 -8.88
CA LEU A 475 -16.33 -18.96 -8.35
C LEU A 475 -17.51 -18.37 -7.59
N LYS A 476 -17.33 -17.96 -6.33
CA LYS A 476 -18.38 -17.17 -5.64
C LYS A 476 -18.43 -15.78 -6.28
N ILE A 477 -19.63 -15.33 -6.65
CA ILE A 477 -19.83 -13.94 -7.11
C ILE A 477 -21.00 -13.37 -6.32
N THR A 478 -20.78 -12.29 -5.60
CA THR A 478 -21.85 -11.54 -4.96
C THR A 478 -22.50 -10.67 -6.02
N ALA A 479 -23.79 -10.85 -6.28
CA ALA A 479 -24.41 -10.04 -7.34
C ALA A 479 -25.58 -9.29 -6.71
N ARG A 480 -25.65 -7.98 -6.93
CA ARG A 480 -26.79 -7.17 -6.44
C ARG A 480 -27.20 -6.15 -7.46
N ARG A 481 -28.51 -5.95 -7.51
CA ARG A 481 -29.11 -4.78 -8.19
C ARG A 481 -29.09 -3.60 -7.25
N VAL A 482 -28.66 -2.47 -7.76
CA VAL A 482 -28.64 -1.18 -7.05
C VAL A 482 -29.89 -0.42 -7.47
N VAL A 483 -30.74 -0.10 -6.51
CA VAL A 483 -32.06 0.49 -6.79
C VAL A 483 -32.05 1.92 -6.27
N PRO A 484 -32.21 2.96 -7.12
CA PRO A 484 -32.20 4.35 -6.64
C PRO A 484 -33.38 4.57 -5.68
N GLY A 485 -33.20 5.48 -4.72
CA GLY A 485 -34.23 5.81 -3.72
C GLY A 485 -34.18 4.82 -2.57
N THR A 486 -35.30 4.60 -1.88
CA THR A 486 -35.37 3.77 -0.64
C THR A 486 -36.47 2.70 -0.78
N ASP A 487 -37.19 2.65 -1.91
CA ASP A 487 -38.23 1.63 -2.20
C ASP A 487 -37.55 0.37 -2.74
N ALA A 488 -36.80 -0.33 -1.87
CA ALA A 488 -36.01 -1.52 -2.25
C ALA A 488 -36.06 -2.56 -1.13
N GLY A 489 -35.97 -3.85 -1.48
CA GLY A 489 -36.09 -5.00 -0.54
C GLY A 489 -34.94 -5.98 -0.65
N ALA A 490 -35.14 -7.20 -0.17
CA ALA A 490 -34.12 -8.27 -0.13
C ALA A 490 -33.52 -8.50 -1.51
N GLY A 491 -32.21 -8.79 -1.55
CA GLY A 491 -31.42 -9.11 -2.75
C GLY A 491 -30.99 -7.87 -3.51
N THR A 492 -31.33 -6.68 -3.00
CA THR A 492 -30.95 -5.39 -3.65
C THR A 492 -30.09 -4.58 -2.69
N LEU A 493 -29.48 -3.55 -3.24
CA LEU A 493 -28.88 -2.48 -2.44
C LEU A 493 -29.60 -1.18 -2.79
N ALA A 494 -30.06 -0.43 -1.80
CA ALA A 494 -30.76 0.84 -2.07
C ALA A 494 -29.72 1.95 -2.20
N ASP A 495 -30.00 2.87 -3.10
CA ASP A 495 -29.14 4.05 -3.36
C ASP A 495 -29.95 5.31 -3.08
N PRO A 496 -30.16 5.68 -1.80
CA PRO A 496 -31.05 6.80 -1.45
C PRO A 496 -30.79 8.05 -2.31
N ASP A 497 -29.53 8.44 -2.44
CA ASP A 497 -29.17 9.70 -3.14
C ASP A 497 -29.38 9.56 -4.65
N GLY A 498 -29.39 8.35 -5.22
CA GLY A 498 -29.37 8.15 -6.69
C GLY A 498 -28.03 8.57 -7.29
N ASP A 499 -26.96 8.48 -6.50
CA ASP A 499 -25.57 8.82 -6.89
C ASP A 499 -24.88 7.63 -7.57
N TRP A 500 -25.34 6.39 -7.38
CA TRP A 500 -24.47 5.23 -7.66
C TRP A 500 -24.18 5.13 -9.15
N SER A 501 -25.18 5.17 -10.00
CA SER A 501 -24.97 4.89 -11.44
C SER A 501 -24.12 6.03 -12.04
N GLU A 502 -24.27 7.27 -11.56
CA GLU A 502 -23.44 8.41 -12.02
C GLU A 502 -21.98 8.24 -11.56
N ARG A 503 -21.76 7.91 -10.28
CA ARG A 503 -20.38 7.72 -9.75
C ARG A 503 -19.70 6.51 -10.40
N TYR A 504 -20.46 5.57 -10.97
CA TYR A 504 -19.91 4.38 -11.68
C TYR A 504 -19.93 4.60 -13.21
N GLY A 505 -20.12 5.84 -13.67
CA GLY A 505 -19.77 6.21 -15.06
C GLY A 505 -21.02 6.37 -15.92
N GLY A 506 -22.18 6.48 -15.27
CA GLY A 506 -23.50 6.62 -15.92
C GLY A 506 -24.04 5.29 -16.38
N LEU A 507 -23.99 4.27 -15.54
CA LEU A 507 -24.57 2.94 -15.85
C LEU A 507 -26.07 3.12 -15.99
N ARG A 508 -26.63 2.60 -17.06
CA ARG A 508 -28.09 2.58 -17.30
C ARG A 508 -28.71 1.51 -16.40
N PRO A 509 -30.06 1.50 -16.27
CA PRO A 509 -30.70 0.49 -15.43
C PRO A 509 -30.35 -0.98 -15.76
N GLU A 510 -29.97 -1.29 -17.01
CA GLU A 510 -29.66 -2.67 -17.46
C GLU A 510 -28.15 -2.91 -17.44
N GLY A 511 -27.38 -1.91 -16.97
CA GLY A 511 -25.91 -1.97 -17.01
C GLY A 511 -25.36 -2.70 -15.79
N ALA A 512 -24.06 -2.95 -15.79
CA ALA A 512 -23.44 -3.74 -14.70
C ALA A 512 -21.95 -3.41 -14.62
N VAL A 513 -21.39 -3.62 -13.43
CA VAL A 513 -19.93 -3.46 -13.21
C VAL A 513 -19.48 -4.68 -12.43
N LEU A 514 -18.32 -5.22 -12.80
CA LEU A 514 -17.75 -6.42 -12.15
C LEU A 514 -16.51 -5.95 -11.42
N VAL A 515 -16.50 -6.15 -10.10
CA VAL A 515 -15.41 -5.68 -9.23
C VAL A 515 -14.61 -6.89 -8.75
N ARG A 516 -13.30 -6.79 -8.88
CA ARG A 516 -12.36 -7.83 -8.43
C ARG A 516 -12.28 -7.81 -6.92
N PRO A 517 -11.72 -8.89 -6.34
CA PRO A 517 -11.52 -8.93 -4.90
C PRO A 517 -10.71 -7.77 -4.34
N ASP A 518 -9.86 -7.11 -5.13
CA ASP A 518 -9.08 -5.96 -4.65
C ASP A 518 -9.85 -4.65 -4.77
N GLY A 519 -11.11 -4.67 -5.20
CA GLY A 519 -11.87 -3.43 -5.30
C GLY A 519 -11.62 -2.67 -6.61
N VAL A 520 -10.91 -3.28 -7.54
CA VAL A 520 -10.63 -2.70 -8.88
C VAL A 520 -11.67 -3.23 -9.85
N VAL A 521 -12.21 -2.32 -10.63
CA VAL A 521 -13.22 -2.70 -11.66
C VAL A 521 -12.51 -3.60 -12.69
N ALA A 522 -13.09 -4.78 -12.96
CA ALA A 522 -12.61 -5.67 -14.02
C ALA A 522 -13.23 -5.33 -15.36
N TRP A 523 -14.47 -4.87 -15.33
CA TRP A 523 -15.31 -4.88 -16.54
C TRP A 523 -16.55 -4.09 -16.22
N ARG A 524 -17.08 -3.39 -17.23
CA ARG A 524 -18.43 -2.82 -17.06
C ARG A 524 -19.16 -2.88 -18.38
N SER A 525 -20.48 -2.90 -18.26
CA SER A 525 -21.38 -2.70 -19.41
C SER A 525 -22.30 -1.52 -19.09
N PRO A 526 -22.35 -0.45 -19.92
CA PRO A 526 -23.25 0.66 -19.63
C PRO A 526 -24.72 0.22 -19.57
N GLY A 527 -25.09 -0.78 -20.39
CA GLY A 527 -26.47 -1.26 -20.50
C GLY A 527 -26.55 -2.75 -20.71
N ALA A 528 -27.62 -3.21 -21.35
CA ALA A 528 -27.84 -4.63 -21.65
C ALA A 528 -26.80 -5.08 -22.68
N ASP A 529 -26.49 -6.36 -22.74
CA ASP A 529 -25.70 -6.85 -23.88
C ASP A 529 -26.47 -6.58 -25.18
N PRO A 530 -25.86 -5.94 -26.20
CA PRO A 530 -26.53 -5.71 -27.49
C PRO A 530 -27.12 -6.99 -28.11
N GLY A 531 -26.45 -8.14 -27.96
CA GLY A 531 -26.88 -9.44 -28.50
C GLY A 531 -27.75 -10.25 -27.54
N GLY A 532 -28.11 -9.69 -26.38
CA GLY A 532 -28.86 -10.39 -25.33
C GLY A 532 -28.15 -11.64 -24.84
N GLU A 533 -26.81 -11.64 -24.80
CA GLU A 533 -26.03 -12.83 -24.42
C GLU A 533 -25.23 -12.53 -23.14
N GLU A 534 -25.91 -11.94 -22.15
CA GLU A 534 -25.29 -11.52 -20.85
C GLU A 534 -24.56 -12.72 -20.26
N SER A 535 -25.18 -13.91 -20.26
CA SER A 535 -24.58 -15.09 -19.61
C SER A 535 -23.25 -15.49 -20.28
N ALA A 536 -23.23 -15.59 -21.60
CA ALA A 536 -22.00 -15.93 -22.37
C ALA A 536 -20.95 -14.82 -22.20
N VAL A 537 -21.37 -13.57 -22.22
CA VAL A 537 -20.45 -12.40 -22.12
C VAL A 537 -19.79 -12.42 -20.75
N LEU A 538 -20.58 -12.50 -19.69
CA LEU A 538 -19.95 -12.40 -18.33
C LEU A 538 -19.07 -13.61 -18.10
N ALA A 539 -19.47 -14.80 -18.56
CA ALA A 539 -18.60 -15.99 -18.46
C ALA A 539 -17.28 -15.76 -19.19
N ALA A 540 -17.31 -15.23 -20.41
CA ALA A 540 -16.10 -14.97 -21.21
C ALA A 540 -15.21 -13.94 -20.48
N VAL A 541 -15.83 -12.91 -19.92
CA VAL A 541 -15.09 -11.88 -19.12
C VAL A 541 -14.35 -12.57 -17.99
N LEU A 542 -15.07 -13.37 -17.21
CA LEU A 542 -14.43 -14.01 -16.06
C LEU A 542 -13.37 -15.00 -16.50
N ARG A 543 -13.60 -15.75 -17.56
CA ARG A 543 -12.55 -16.68 -18.05
C ARG A 543 -11.28 -15.92 -18.42
N SER A 544 -11.42 -14.77 -19.09
CA SER A 544 -10.22 -13.96 -19.47
C SER A 544 -9.53 -13.45 -18.21
N VAL A 545 -10.30 -12.84 -17.32
CA VAL A 545 -9.76 -12.22 -16.08
C VAL A 545 -9.03 -13.30 -15.27
N LEU A 546 -9.61 -14.50 -15.15
CA LEU A 546 -9.08 -15.61 -14.33
C LEU A 546 -8.00 -16.39 -15.10
N ALA A 547 -7.62 -15.97 -16.32
CA ALA A 547 -6.57 -16.64 -17.16
C ALA A 547 -6.87 -18.15 -17.28
N ARG A 548 -8.12 -18.47 -17.62
CA ARG A 548 -8.52 -19.84 -17.98
C ARG A 548 -9.04 -19.77 -19.43
PA FAD B . 11.37 -3.17 4.68
O1A FAD B . 10.60 -2.21 5.53
O2A FAD B . 12.71 -2.78 4.18
O5B FAD B . 11.46 -4.54 5.47
C5B FAD B . 12.09 -5.68 4.86
C4B FAD B . 12.19 -6.73 5.92
O4B FAD B . 12.75 -7.93 5.34
C3B FAD B . 13.09 -6.33 7.11
O3B FAD B . 12.45 -6.42 8.36
C2B FAD B . 14.28 -7.29 6.98
O2B FAD B . 14.87 -7.65 8.22
C1B FAD B . 13.63 -8.48 6.30
N9A FAD B . 14.54 -9.37 5.58
C8A FAD B . 15.45 -8.96 4.61
N7A FAD B . 16.12 -9.97 4.12
C5A FAD B . 15.64 -11.09 4.79
C6A FAD B . 15.94 -12.45 4.68
N6A FAD B . 16.87 -12.93 3.85
N1A FAD B . 15.28 -13.32 5.50
C2A FAD B . 14.32 -12.82 6.31
N3A FAD B . 13.97 -11.55 6.49
C4A FAD B . 14.64 -10.73 5.67
N1 FAD B . 6.45 5.10 3.37
C2 FAD B . 5.23 5.50 3.53
O2 FAD B . 4.28 4.98 2.89
N3 FAD B . 4.95 6.58 4.32
C4 FAD B . 5.92 7.31 5.00
O4 FAD B . 5.56 8.23 5.77
C4X FAD B . 7.22 6.91 4.82
N5 FAD B . 8.18 7.57 5.44
C5X FAD B . 9.47 7.10 5.30
C6 FAD B . 10.52 7.78 5.94
C7 FAD B . 11.80 7.33 5.88
C7M FAD B . 12.91 8.08 6.58
C8 FAD B . 12.11 6.19 5.09
C8M FAD B . 13.50 5.65 4.98
C9 FAD B . 11.07 5.52 4.44
C9A FAD B . 9.75 5.95 4.53
N10 FAD B . 8.70 5.30 3.87
C10 FAD B . 7.41 5.75 4.00
C1' FAD B . 8.98 4.08 3.10
C2' FAD B . 8.72 2.81 3.87
O2' FAD B . 9.44 2.74 5.17
C3' FAD B . 9.12 1.58 3.05
O3' FAD B . 8.58 1.73 1.74
C4' FAD B . 8.62 0.29 3.67
O4' FAD B . 9.18 0.06 4.99
C5' FAD B . 8.97 -0.91 2.79
O5' FAD B . 8.37 -2.05 3.45
P FAD B . 8.91 -3.51 3.06
O1P FAD B . 8.21 -4.44 3.98
O2P FAD B . 8.85 -3.67 1.59
O3P FAD B . 10.50 -3.46 3.34
CL CL C . 8.47 6.77 0.97
C01 1JW D . 8.39 8.44 13.96
C02 1JW D . 7.66 9.39 14.94
C03 1JW D . 8.57 10.09 15.77
O04 1JW D . 8.88 9.17 16.86
C05 1JW D . 9.05 9.16 12.76
C06 1JW D . 9.84 8.24 11.76
C07 1JW D . 10.33 9.08 10.52
O08 1JW D . 11.00 8.22 9.56
O09 1JW D . 10.97 7.70 12.42
N HYP E . 18.28 -0.24 19.79
CA HYP E . 19.31 -0.77 20.70
C HYP E . 19.83 -2.15 20.24
O HYP E . 21.02 -2.49 20.21
CB HYP E . 18.58 -0.86 22.05
CG HYP E . 17.50 0.21 21.96
CD HYP E . 17.08 0.20 20.52
OD1 HYP E . 18.04 1.47 22.31
OXT HYP E . 19.02 -2.98 19.88
C01 1JW F . 25.88 16.78 9.59
C02 1JW F . 24.45 16.98 9.16
C03 1JW F . 23.78 18.03 10.03
O04 1JW F . 23.15 18.85 9.20
C05 1JW F . 26.52 15.53 9.06
C06 1JW F . 27.77 15.11 9.88
C07 1JW F . 28.75 14.07 9.17
O08 1JW F . 30.03 14.21 9.75
O09 1JW F . 28.44 16.33 10.06
C01 1JW G . -33.74 -0.13 2.91
C02 1JW G . -34.78 0.84 2.34
C03 1JW G . -35.15 1.98 3.19
O04 1JW G . -36.46 2.27 2.82
C05 1JW G . -33.06 -0.89 1.80
C06 1JW G . -33.16 -2.41 1.71
C07 1JW G . -32.29 -2.92 0.45
O08 1JW G . -31.41 -3.95 0.81
O09 1JW G . -32.81 -2.96 2.94
C1 GOL H . -4.59 0.52 -5.82
O1 GOL H . -4.44 1.04 -4.51
C2 GOL H . -6.00 0.00 -5.80
O2 GOL H . -6.00 -1.36 -5.37
C3 GOL H . -6.81 0.28 -7.03
O3 GOL H . -6.46 1.52 -7.63
#